data_3HEE
#
_entry.id   3HEE
#
_cell.length_a   69.381
_cell.length_b   69.381
_cell.length_c   153.566
_cell.angle_alpha   90.00
_cell.angle_beta   90.00
_cell.angle_gamma   120.00
#
_symmetry.space_group_name_H-M   'P 32 2 1'
#
loop_
_entity.id
_entity.type
_entity.pdbx_description
1 polymer 'Ribose-5-phosphate isomerase'
2 non-polymer RIBOSE-5-PHOSPHATE
3 water water
#
_entity_poly.entity_id   1
_entity_poly.type   'polypeptide(L)'
_entity_poly.pdbx_seq_one_letter_code
;MKIGIGSDHGGYNLKREIADFLKKRGYEVIDFGTHGNESVDYPDFGLKVAEAVKSGECDRGIVICGTGLGISIAANKVPG
IRAAVCTNSYMARMSREHNDANILALGERVVGLDLALDIVDTWLKAEFQGGRHATRVGKIGEIEKKYSK
;
_entity_poly.pdbx_strand_id   A,B
#
loop_
_chem_comp.id
_chem_comp.type
_chem_comp.name
_chem_comp.formula
R5P saccharide RIBOSE-5-PHOSPHATE 'C5 H11 O8 P'
#
# COMPACT_ATOMS: atom_id res chain seq x y z
N MET A 1 -2.04 19.67 14.67
CA MET A 1 -2.94 18.97 13.71
C MET A 1 -3.80 17.82 14.35
N LYS A 2 -4.91 17.49 13.67
CA LYS A 2 -5.85 16.56 14.20
C LYS A 2 -5.48 15.26 13.47
N ILE A 3 -5.16 14.23 14.23
CA ILE A 3 -4.72 12.95 13.60
C ILE A 3 -5.84 11.94 13.87
N GLY A 4 -6.46 11.39 12.82
CA GLY A 4 -7.36 10.24 13.02
C GLY A 4 -6.58 8.92 13.12
N ILE A 5 -6.99 8.01 14.01
CA ILE A 5 -6.32 6.74 14.18
C ILE A 5 -7.34 5.60 14.18
N GLY A 6 -6.99 4.42 13.62
CA GLY A 6 -7.99 3.32 13.52
C GLY A 6 -7.23 2.05 13.34
N SER A 7 -7.85 0.95 13.75
CA SER A 7 -7.21 -0.37 13.57
C SER A 7 -8.22 -1.53 13.59
N ASP A 8 -7.84 -2.73 13.09
CA ASP A 8 -8.58 -3.94 13.55
C ASP A 8 -7.99 -4.45 14.91
N HIS A 9 -8.42 -5.65 15.36
CA HIS A 9 -7.87 -6.28 16.59
C HIS A 9 -6.36 -6.55 16.38
N GLY A 10 -5.94 -6.86 15.13
CA GLY A 10 -4.53 -7.06 14.77
C GLY A 10 -3.60 -5.85 15.03
N GLY A 11 -4.13 -4.58 15.02
CA GLY A 11 -3.32 -3.37 15.28
C GLY A 11 -3.77 -2.59 16.53
N TYR A 12 -4.64 -3.20 17.33
CA TYR A 12 -5.27 -2.52 18.47
C TYR A 12 -4.26 -2.11 19.56
N ASN A 13 -3.33 -3.00 19.92
CA ASN A 13 -2.36 -2.69 20.97
C ASN A 13 -1.32 -1.60 20.56
N LEU A 14 -0.86 -1.71 19.31
CA LEU A 14 -0.02 -0.70 18.73
C LEU A 14 -0.83 0.60 18.61
N LYS A 15 -2.11 0.59 18.19
CA LYS A 15 -2.86 1.84 18.18
C LYS A 15 -2.89 2.57 19.54
N ARG A 16 -3.01 1.83 20.65
CA ARG A 16 -3.09 2.36 22.00
C ARG A 16 -1.79 3.12 22.30
N GLU A 17 -0.66 2.49 21.99
CA GLU A 17 0.67 3.09 22.15
C GLU A 17 0.84 4.32 21.29
N ILE A 18 0.42 4.27 20.02
CA ILE A 18 0.57 5.47 19.18
C ILE A 18 -0.37 6.66 19.66
N ALA A 19 -1.59 6.36 20.11
CA ALA A 19 -2.54 7.39 20.52
C ALA A 19 -1.88 8.14 21.71
N ASP A 20 -1.33 7.41 22.69
CA ASP A 20 -0.57 7.95 23.87
C ASP A 20 0.59 8.80 23.43
N PHE A 21 1.41 8.21 22.54
CA PHE A 21 2.51 8.93 21.93
C PHE A 21 2.13 10.29 21.33
N LEU A 22 1.07 10.31 20.54
CA LEU A 22 0.70 11.53 19.80
C LEU A 22 0.12 12.58 20.78
N LYS A 23 -0.62 12.10 21.78
CA LYS A 23 -1.18 13.01 22.80
C LYS A 23 -0.08 13.71 23.64
N LYS A 24 0.95 12.95 24.03
CA LYS A 24 2.07 13.51 24.74
C LYS A 24 2.74 14.56 23.94
N ARG A 25 2.60 14.50 22.62
CA ARG A 25 3.17 15.53 21.75
C ARG A 25 2.17 16.65 21.46
N GLY A 26 1.00 16.61 22.09
CA GLY A 26 -0.01 17.68 21.93
C GLY A 26 -0.78 17.66 20.61
N TYR A 27 -0.88 16.47 19.97
CA TYR A 27 -1.80 16.29 18.83
C TYR A 27 -3.15 16.03 19.40
N GLU A 28 -4.17 16.55 18.75
CA GLU A 28 -5.51 16.09 19.00
C GLU A 28 -5.71 14.77 18.21
N VAL A 29 -5.98 13.70 18.93
CA VAL A 29 -6.24 12.41 18.37
C VAL A 29 -7.74 12.04 18.33
N ILE A 30 -8.28 11.68 17.16
CA ILE A 30 -9.61 11.10 17.13
C ILE A 30 -9.42 9.60 16.90
N ASP A 31 -9.80 8.76 17.88
CA ASP A 31 -9.73 7.32 17.81
C ASP A 31 -11.00 6.71 17.20
N PHE A 32 -10.91 6.20 15.95
CA PHE A 32 -12.05 5.57 15.30
C PHE A 32 -12.34 4.10 15.67
N GLY A 33 -11.61 3.59 16.63
CA GLY A 33 -11.69 2.21 17.04
C GLY A 33 -10.78 1.36 16.14
N THR A 34 -10.81 0.03 16.29
CA THR A 34 -11.60 -0.69 17.20
C THR A 34 -11.12 -0.47 18.63
N HIS A 35 -11.93 -0.90 19.58
CA HIS A 35 -11.76 -0.53 21.00
C HIS A 35 -11.49 -1.71 21.90
N GLY A 36 -11.15 -2.87 21.33
CA GLY A 36 -10.65 -4.03 22.09
C GLY A 36 -10.00 -5.07 21.17
N ASN A 37 -9.80 -6.28 21.71
CA ASN A 37 -9.07 -7.36 21.03
C ASN A 37 -9.97 -8.35 20.30
N GLU A 38 -11.29 -8.15 20.40
CA GLU A 38 -12.26 -9.02 19.71
C GLU A 38 -12.01 -8.91 18.22
N SER A 39 -12.22 -9.99 17.53
CA SER A 39 -11.91 -10.05 16.14
C SER A 39 -12.88 -9.10 15.32
N VAL A 40 -12.32 -8.20 14.52
CA VAL A 40 -13.16 -7.29 13.70
C VAL A 40 -12.55 -7.20 12.28
N ASP A 41 -13.14 -6.36 11.41
CA ASP A 41 -12.81 -6.38 9.97
C ASP A 41 -12.09 -5.09 9.65
N TYR A 42 -10.81 -5.20 9.24
CA TYR A 42 -9.96 -4.02 9.01
C TYR A 42 -10.60 -3.03 7.97
N PRO A 43 -11.38 -3.50 6.93
CA PRO A 43 -11.92 -2.43 6.07
C PRO A 43 -12.84 -1.39 6.73
N ASP A 44 -13.60 -1.77 7.77
CA ASP A 44 -14.50 -0.83 8.48
C ASP A 44 -13.73 0.36 9.11
N PHE A 45 -12.59 0.08 9.69
CA PHE A 45 -11.79 1.09 10.38
C PHE A 45 -10.90 1.85 9.41
N GLY A 46 -10.40 1.18 8.35
CA GLY A 46 -9.65 1.89 7.28
C GLY A 46 -10.60 2.91 6.67
N LEU A 47 -11.83 2.48 6.42
CA LEU A 47 -12.82 3.40 5.83
C LEU A 47 -13.10 4.62 6.74
N LYS A 48 -13.36 4.43 8.03
CA LYS A 48 -13.69 5.50 8.95
C LYS A 48 -12.55 6.55 8.98
N VAL A 49 -11.30 6.09 9.07
CA VAL A 49 -10.17 7.04 9.10
C VAL A 49 -10.02 7.81 7.74
N ALA A 50 -10.12 7.08 6.61
CA ALA A 50 -10.03 7.60 5.31
C ALA A 50 -11.14 8.66 5.05
N GLU A 51 -12.37 8.35 5.44
CA GLU A 51 -13.46 9.33 5.27
C GLU A 51 -13.28 10.54 6.20
N ALA A 52 -12.72 10.35 7.38
CA ALA A 52 -12.42 11.51 8.25
C ALA A 52 -11.34 12.41 7.68
N VAL A 53 -10.34 11.81 7.03
CA VAL A 53 -9.28 12.60 6.43
C VAL A 53 -9.88 13.32 5.20
N LYS A 54 -10.71 12.57 4.46
CA LYS A 54 -11.29 13.13 3.24
C LYS A 54 -12.23 14.30 3.57
N SER A 55 -13.01 14.23 4.63
CA SER A 55 -13.91 15.30 5.01
C SER A 55 -13.20 16.54 5.62
N GLY A 56 -11.90 16.43 5.93
CA GLY A 56 -11.23 17.46 6.73
C GLY A 56 -11.50 17.35 8.22
N GLU A 57 -12.31 16.41 8.67
CA GLU A 57 -12.49 16.19 10.10
C GLU A 57 -11.15 15.89 10.80
N CYS A 58 -10.25 15.13 10.11
CA CYS A 58 -8.91 14.86 10.60
C CYS A 58 -8.00 15.47 9.54
N ASP A 59 -6.87 16.04 9.93
CA ASP A 59 -5.87 16.40 8.90
C ASP A 59 -5.12 15.20 8.19
N ARG A 60 -4.82 14.18 8.99
CA ARG A 60 -4.03 13.02 8.55
C ARG A 60 -4.50 11.88 9.36
N GLY A 61 -4.18 10.66 8.91
CA GLY A 61 -4.64 9.48 9.66
C GLY A 61 -3.53 8.46 9.73
N ILE A 62 -3.69 7.57 10.70
CA ILE A 62 -2.77 6.43 10.89
C ILE A 62 -3.67 5.23 11.04
N VAL A 63 -3.40 4.16 10.26
CA VAL A 63 -4.25 2.93 10.30
C VAL A 63 -3.33 1.71 10.57
N ILE A 64 -3.76 0.82 11.42
CA ILE A 64 -2.85 -0.26 11.79
C ILE A 64 -3.64 -1.57 11.66
N CYS A 65 -2.99 -2.62 11.13
CA CYS A 65 -3.56 -3.94 11.17
C CYS A 65 -2.38 -4.89 11.37
N GLY A 66 -2.57 -6.18 11.20
CA GLY A 66 -1.44 -7.11 11.43
C GLY A 66 -0.26 -6.74 10.55
N THR A 67 -0.48 -6.49 9.24
CA THR A 67 0.66 -6.11 8.38
C THR A 67 0.65 -4.68 7.85
N GLY A 68 -0.48 -4.01 8.03
CA GLY A 68 -0.77 -2.70 7.42
C GLY A 68 -1.37 -2.86 6.05
N LEU A 69 -1.29 -4.06 5.45
CA LEU A 69 -1.65 -4.14 4.03
C LEU A 69 -3.16 -4.01 3.80
N GLY A 70 -3.97 -4.80 4.53
CA GLY A 70 -5.39 -4.85 4.20
C GLY A 70 -5.94 -3.45 4.46
N ILE A 71 -5.59 -2.87 5.62
CA ILE A 71 -6.25 -1.62 6.02
C ILE A 71 -5.84 -0.44 5.05
N SER A 72 -4.62 -0.45 4.55
CA SER A 72 -4.18 0.59 3.64
C SER A 72 -4.75 0.38 2.22
N ILE A 73 -4.98 -0.88 1.83
CA ILE A 73 -5.61 -1.12 0.55
C ILE A 73 -7.04 -0.57 0.65
N ALA A 74 -7.73 -0.89 1.73
CA ALA A 74 -9.11 -0.43 1.90
C ALA A 74 -9.13 1.16 1.86
N ALA A 75 -8.30 1.77 2.72
CA ALA A 75 -8.19 3.29 2.73
C ALA A 75 -7.94 3.91 1.34
N ASN A 76 -7.08 3.26 0.52
CA ASN A 76 -6.73 3.73 -0.83
C ASN A 76 -7.87 3.63 -1.85
N LYS A 77 -8.92 2.90 -1.54
CA LYS A 77 -10.15 2.89 -2.39
C LYS A 77 -10.94 4.21 -2.33
N VAL A 78 -10.72 5.01 -1.28
CA VAL A 78 -11.35 6.31 -1.17
C VAL A 78 -10.61 7.37 -2.03
N PRO A 79 -11.34 8.04 -2.91
CA PRO A 79 -10.73 9.11 -3.67
C PRO A 79 -10.13 10.23 -2.80
N GLY A 80 -8.92 10.62 -3.18
CA GLY A 80 -8.28 11.67 -2.41
C GLY A 80 -7.42 11.14 -1.27
N ILE A 81 -7.38 9.82 -1.11
CA ILE A 81 -6.64 9.21 0.03
C ILE A 81 -5.40 8.55 -0.60
N ARG A 82 -4.26 8.75 0.07
CA ARG A 82 -3.01 8.12 -0.39
C ARG A 82 -2.42 7.54 0.85
N ALA A 83 -2.56 6.20 1.02
CA ALA A 83 -2.22 5.54 2.31
C ALA A 83 -0.91 4.76 2.02
N ALA A 84 0.09 4.99 2.87
CA ALA A 84 1.43 4.42 2.66
C ALA A 84 1.77 3.40 3.72
N VAL A 85 1.90 2.10 3.36
CA VAL A 85 2.40 1.12 4.35
C VAL A 85 3.91 1.22 4.46
N CYS A 86 4.40 1.63 5.62
CA CYS A 86 5.82 1.88 5.76
C CYS A 86 6.36 0.89 6.81
N THR A 87 7.52 0.33 6.53
CA THR A 87 8.16 -0.52 7.54
C THR A 87 9.52 0.04 7.99
N ASN A 88 9.89 1.21 7.47
CA ASN A 88 11.03 1.96 8.01
C ASN A 88 10.83 3.47 7.80
N SER A 89 11.66 4.30 8.47
CA SER A 89 11.56 5.77 8.43
C SER A 89 11.88 6.31 7.05
N TYR A 90 12.78 5.67 6.30
CA TYR A 90 13.02 6.12 4.94
C TYR A 90 11.72 6.11 4.08
N MET A 91 10.97 4.98 4.10
CA MET A 91 9.71 4.89 3.35
C MET A 91 8.76 5.95 3.91
N ALA A 92 8.76 6.12 5.23
CA ALA A 92 7.79 7.13 5.84
C ALA A 92 8.10 8.57 5.32
N ARG A 93 9.39 8.92 5.28
CA ARG A 93 9.82 10.21 4.75
C ARG A 93 9.46 10.37 3.29
N MET A 94 9.73 9.35 2.49
CA MET A 94 9.42 9.42 1.09
C MET A 94 7.90 9.45 0.87
N SER A 95 7.11 8.76 1.69
CA SER A 95 5.69 8.71 1.38
C SER A 95 5.12 10.21 1.46
N ARG A 96 5.72 11.02 2.35
CA ARG A 96 5.33 12.48 2.48
C ARG A 96 5.96 13.30 1.37
N GLU A 97 7.31 13.28 1.26
CA GLU A 97 8.06 14.03 0.23
C GLU A 97 7.61 13.82 -1.18
N HIS A 98 7.31 12.54 -1.55
CA HIS A 98 7.02 12.22 -2.94
C HIS A 98 5.53 11.95 -3.16
N ASN A 99 4.88 11.23 -2.25
CA ASN A 99 3.49 10.76 -2.53
C ASN A 99 2.45 11.63 -1.89
N ASP A 100 2.93 12.63 -1.13
CA ASP A 100 2.06 13.46 -0.28
C ASP A 100 1.04 12.58 0.47
N ALA A 101 1.53 11.50 1.12
CA ALA A 101 0.60 10.58 1.79
C ALA A 101 -0.17 11.24 2.88
N ASN A 102 -1.48 11.06 2.93
CA ASN A 102 -2.21 11.61 4.06
C ASN A 102 -2.64 10.52 5.04
N ILE A 103 -2.26 9.25 4.76
CA ILE A 103 -2.50 8.16 5.76
C ILE A 103 -1.20 7.35 5.82
N LEU A 104 -0.76 7.08 7.06
CA LEU A 104 0.29 6.18 7.40
C LEU A 104 -0.27 4.83 7.80
N ALA A 105 0.19 3.75 7.14
CA ALA A 105 -0.35 2.40 7.56
C ALA A 105 0.81 1.61 8.17
N LEU A 106 0.56 0.90 9.26
CA LEU A 106 1.62 0.16 9.93
C LEU A 106 1.16 -1.26 10.17
N GLY A 107 2.08 -2.15 10.37
CA GLY A 107 1.65 -3.50 10.71
C GLY A 107 2.17 -3.96 12.06
N GLU A 108 1.29 -4.12 13.06
CA GLU A 108 1.71 -4.44 14.42
C GLU A 108 2.49 -5.79 14.53
N ARG A 109 2.25 -6.70 13.59
CA ARG A 109 2.93 -8.04 13.65
C ARG A 109 4.24 -8.03 12.90
N VAL A 110 4.52 -6.87 12.27
CA VAL A 110 5.74 -6.73 11.46
C VAL A 110 6.78 -5.81 12.15
N VAL A 111 6.35 -4.60 12.53
CA VAL A 111 7.32 -3.60 13.14
C VAL A 111 7.16 -3.62 14.66
N GLY A 112 8.26 -3.68 15.41
CA GLY A 112 8.18 -3.57 16.88
C GLY A 112 7.79 -2.14 17.28
N LEU A 113 7.50 -1.94 18.56
CA LEU A 113 6.91 -0.69 19.01
C LEU A 113 7.85 0.50 18.70
N ASP A 114 9.09 0.43 19.16
CA ASP A 114 9.97 1.57 19.04
C ASP A 114 10.28 1.87 17.63
N LEU A 115 10.46 0.83 16.78
CA LEU A 115 10.53 1.14 15.40
C LEU A 115 9.29 1.90 14.84
N ALA A 116 8.10 1.44 15.20
CA ALA A 116 6.90 2.01 14.71
C ALA A 116 6.76 3.49 15.17
N LEU A 117 7.13 3.78 16.43
CA LEU A 117 7.19 5.22 16.89
C LEU A 117 8.20 6.03 16.12
N ASP A 118 9.29 5.41 15.70
CA ASP A 118 10.25 6.13 14.89
C ASP A 118 9.64 6.47 13.55
N ILE A 119 8.92 5.50 12.94
CA ILE A 119 8.32 5.74 11.63
C ILE A 119 7.26 6.86 11.76
N VAL A 120 6.44 6.81 12.80
CA VAL A 120 5.39 7.84 12.97
C VAL A 120 6.02 9.24 13.18
N ASP A 121 7.04 9.31 14.06
CA ASP A 121 7.78 10.59 14.27
C ASP A 121 8.28 11.11 12.93
N THR A 122 8.95 10.27 12.14
CA THR A 122 9.39 10.68 10.80
C THR A 122 8.29 11.18 9.85
N TRP A 123 7.19 10.42 9.78
CA TRP A 123 6.11 10.72 8.86
C TRP A 123 5.46 12.09 9.22
N LEU A 124 5.33 12.37 10.51
CA LEU A 124 4.56 13.52 10.98
C LEU A 124 5.39 14.79 10.70
N LYS A 125 6.72 14.65 10.61
CA LYS A 125 7.64 15.77 10.38
C LYS A 125 8.01 16.04 8.94
N ALA A 126 7.88 15.02 8.07
CA ALA A 126 8.31 15.15 6.66
C ALA A 126 7.33 16.07 5.87
N GLU A 127 7.82 16.70 4.83
CA GLU A 127 6.99 17.66 4.08
C GLU A 127 6.95 17.34 2.62
N PHE A 128 5.76 17.50 2.04
CA PHE A 128 5.62 17.28 0.58
C PHE A 128 6.55 18.20 -0.26
N GLN A 129 7.18 17.69 -1.33
CA GLN A 129 8.15 18.43 -2.05
C GLN A 129 7.62 19.02 -3.40
N GLY A 130 6.39 18.74 -3.77
CA GLY A 130 5.77 19.38 -4.90
C GLY A 130 6.48 19.05 -6.17
N GLY A 131 6.31 19.93 -7.18
CA GLY A 131 7.04 19.69 -8.40
C GLY A 131 6.56 18.46 -9.16
N ARG A 132 7.53 17.70 -9.74
CA ARG A 132 7.21 16.52 -10.48
C ARG A 132 6.36 15.54 -9.61
N HIS A 133 6.44 15.65 -8.30
CA HIS A 133 5.74 14.78 -7.39
C HIS A 133 4.29 15.18 -7.37
N ALA A 134 4.00 16.49 -7.53
CA ALA A 134 2.59 16.96 -7.68
C ALA A 134 1.96 16.52 -9.00
N THR A 135 2.74 16.59 -10.11
CA THR A 135 2.32 16.08 -11.39
C THR A 135 1.91 14.61 -11.22
N ARG A 136 2.76 13.81 -10.53
CA ARG A 136 2.45 12.36 -10.35
C ARG A 136 1.28 12.10 -9.49
N VAL A 137 1.14 12.82 -8.36
CA VAL A 137 -0.11 12.77 -7.58
C VAL A 137 -1.38 13.08 -8.40
N GLY A 138 -1.30 14.04 -9.32
CA GLY A 138 -2.42 14.39 -10.20
C GLY A 138 -2.79 13.17 -11.02
N LYS A 139 -1.81 12.48 -11.62
CA LYS A 139 -2.07 11.25 -12.36
C LYS A 139 -2.75 10.13 -11.53
N ILE A 140 -2.45 10.02 -10.23
CA ILE A 140 -3.22 9.14 -9.35
C ILE A 140 -4.68 9.68 -9.34
N GLY A 141 -4.86 11.03 -9.34
CA GLY A 141 -6.23 11.62 -9.30
C GLY A 141 -6.95 11.26 -10.59
N GLU A 142 -6.20 11.17 -11.65
CA GLU A 142 -6.83 10.80 -12.93
C GLU A 142 -7.37 9.38 -12.95
N ILE A 143 -6.65 8.46 -12.28
CA ILE A 143 -7.15 7.07 -12.16
C ILE A 143 -8.45 7.12 -11.36
N GLU A 144 -8.48 7.80 -10.22
CA GLU A 144 -9.69 7.96 -9.46
C GLU A 144 -10.83 8.48 -10.36
N LYS A 145 -10.56 9.51 -11.19
CA LYS A 145 -11.65 10.06 -12.04
C LYS A 145 -12.15 9.08 -13.11
N LYS A 146 -11.22 8.28 -13.67
CA LYS A 146 -11.53 7.22 -14.58
C LYS A 146 -12.53 6.22 -13.99
N TYR A 147 -12.35 5.82 -12.73
CA TYR A 147 -13.12 4.69 -12.15
C TYR A 147 -14.21 5.19 -11.22
N SER A 148 -14.31 6.50 -11.18
CA SER A 148 -15.34 7.15 -10.39
C SER A 148 -16.88 6.87 -10.90
N MET B 1 1.43 -19.40 -15.15
CA MET B 1 0.56 -18.20 -15.22
C MET B 1 1.23 -16.96 -15.91
N LYS B 2 0.39 -15.98 -16.25
CA LYS B 2 0.86 -14.80 -16.98
C LYS B 2 1.03 -13.74 -15.88
N ILE B 3 2.22 -13.20 -15.82
CA ILE B 3 2.54 -12.16 -14.76
C ILE B 3 2.78 -10.88 -15.53
N GLY B 4 2.00 -9.82 -15.29
CA GLY B 4 2.33 -8.53 -15.86
C GLY B 4 3.33 -7.80 -14.97
N ILE B 5 4.31 -7.11 -15.54
CA ILE B 5 5.27 -6.37 -14.72
C ILE B 5 5.39 -4.98 -15.26
N GLY B 6 5.68 -3.99 -14.37
CA GLY B 6 5.72 -2.57 -14.81
C GLY B 6 6.52 -1.81 -13.79
N SER B 7 7.13 -0.72 -14.24
CA SER B 7 7.84 0.15 -13.27
C SER B 7 7.98 1.60 -13.75
N ASP B 8 8.35 2.53 -12.84
CA ASP B 8 8.96 3.80 -13.36
C ASP B 8 10.48 3.63 -13.52
N HIS B 9 11.23 4.73 -13.76
CA HIS B 9 12.71 4.69 -13.91
C HIS B 9 13.31 4.25 -12.52
N GLY B 10 12.65 4.60 -11.42
CA GLY B 10 13.02 4.21 -10.06
C GLY B 10 13.02 2.67 -9.81
N GLY B 11 12.21 1.88 -10.55
CA GLY B 11 12.19 0.45 -10.40
C GLY B 11 12.62 -0.36 -11.63
N TYR B 12 13.21 0.30 -12.62
CA TYR B 12 13.53 -0.26 -13.94
C TYR B 12 14.56 -1.37 -13.89
N ASN B 13 15.62 -1.16 -13.10
CA ASN B 13 16.68 -2.16 -12.98
C ASN B 13 16.25 -3.45 -12.20
N LEU B 14 15.43 -3.28 -11.16
CA LEU B 14 14.92 -4.37 -10.38
C LEU B 14 13.89 -5.11 -11.32
N LYS B 15 13.07 -4.37 -12.07
CA LYS B 15 12.17 -5.02 -13.02
C LYS B 15 12.90 -5.94 -14.02
N ARG B 16 14.07 -5.51 -14.53
CA ARG B 16 14.85 -6.28 -15.49
C ARG B 16 15.24 -7.62 -14.84
N GLU B 17 15.73 -7.56 -13.61
CA GLU B 17 16.08 -8.74 -12.83
C GLU B 17 14.91 -9.63 -12.55
N ILE B 18 13.74 -9.07 -12.15
CA ILE B 18 12.62 -9.94 -11.87
C ILE B 18 12.05 -10.60 -13.20
N ALA B 19 12.02 -9.86 -14.31
CA ALA B 19 11.50 -10.39 -15.58
C ALA B 19 12.33 -11.64 -15.91
N ASP B 20 13.67 -11.54 -15.80
CA ASP B 20 14.62 -12.66 -16.01
C ASP B 20 14.39 -13.82 -15.09
N PHE B 21 14.27 -13.53 -13.79
CA PHE B 21 13.92 -14.47 -12.75
C PHE B 21 12.67 -15.29 -13.08
N LEU B 22 11.62 -14.59 -13.47
CA LEU B 22 10.33 -15.20 -13.72
C LEU B 22 10.40 -16.08 -15.01
N LYS B 23 11.03 -15.56 -16.06
CA LYS B 23 11.09 -16.32 -17.37
C LYS B 23 11.87 -17.65 -17.11
N LYS B 24 12.99 -17.57 -16.37
CA LYS B 24 13.79 -18.73 -16.01
C LYS B 24 12.97 -19.75 -15.31
N ARG B 25 11.90 -19.31 -14.67
CA ARG B 25 11.03 -20.23 -13.97
C ARG B 25 9.83 -20.65 -14.85
N GLY B 26 9.85 -20.25 -16.11
CA GLY B 26 8.80 -20.63 -17.07
C GLY B 26 7.46 -19.92 -16.93
N TYR B 27 7.44 -18.75 -16.25
CA TYR B 27 6.25 -17.86 -16.28
C TYR B 27 6.25 -17.14 -17.58
N GLU B 28 5.07 -16.85 -18.13
CA GLU B 28 4.98 -15.88 -19.22
C GLU B 28 4.93 -14.44 -18.64
N VAL B 29 5.86 -13.60 -19.04
CA VAL B 29 5.93 -12.23 -18.57
C VAL B 29 5.48 -11.22 -19.62
N ILE B 30 4.51 -10.38 -19.28
CA ILE B 30 4.18 -9.27 -20.12
C ILE B 30 4.83 -8.03 -19.46
N ASP B 31 5.80 -7.42 -20.14
CA ASP B 31 6.46 -6.23 -19.64
C ASP B 31 5.77 -4.97 -20.12
N PHE B 32 5.08 -4.24 -19.21
CA PHE B 32 4.41 -3.00 -19.56
C PHE B 32 5.28 -1.72 -19.57
N GLY B 33 6.60 -1.87 -19.46
CA GLY B 33 7.49 -0.73 -19.40
C GLY B 33 7.57 -0.27 -17.93
N THR B 34 8.34 0.78 -17.64
CA THR B 34 9.07 1.54 -18.58
C THR B 34 10.27 0.75 -19.08
N HIS B 35 10.87 1.28 -20.13
CA HIS B 35 11.85 0.54 -20.94
C HIS B 35 13.23 1.17 -20.94
N GLY B 36 13.47 2.10 -20.01
CA GLY B 36 14.82 2.59 -19.74
C GLY B 36 14.87 3.41 -18.46
N ASN B 37 15.94 4.20 -18.32
CA ASN B 37 16.23 4.98 -17.11
C ASN B 37 15.73 6.39 -17.09
N GLU B 38 15.15 6.85 -18.19
CA GLU B 38 14.65 8.24 -18.32
C GLU B 38 13.53 8.46 -17.30
N SER B 39 13.39 9.66 -16.76
CA SER B 39 12.37 9.92 -15.76
C SER B 39 10.98 9.73 -16.37
N VAL B 40 10.16 8.89 -15.74
CA VAL B 40 8.74 8.74 -16.17
C VAL B 40 7.88 8.77 -14.90
N ASP B 41 6.57 8.61 -15.05
CA ASP B 41 5.60 8.80 -13.95
C ASP B 41 5.03 7.43 -13.56
N TYR B 42 5.28 7.02 -12.31
CA TYR B 42 4.85 5.71 -11.81
C TYR B 42 3.32 5.49 -11.99
N PRO B 43 2.44 6.55 -11.86
CA PRO B 43 1.03 6.14 -12.07
C PRO B 43 0.70 5.49 -13.44
N ASP B 44 1.43 5.85 -14.50
CA ASP B 44 1.12 5.34 -15.85
C ASP B 44 1.35 3.81 -15.93
N PHE B 45 2.40 3.37 -15.26
CA PHE B 45 2.81 1.97 -15.33
C PHE B 45 2.04 1.15 -14.30
N GLY B 46 1.76 1.74 -13.11
CA GLY B 46 0.83 1.12 -12.15
C GLY B 46 -0.53 0.80 -12.82
N LEU B 47 -1.06 1.80 -13.50
CA LEU B 47 -2.30 1.62 -14.24
C LEU B 47 -2.21 0.50 -15.32
N LYS B 48 -1.21 0.49 -16.21
CA LYS B 48 -1.13 -0.54 -17.26
C LYS B 48 -1.18 -1.94 -16.62
N VAL B 49 -0.41 -2.13 -15.54
CA VAL B 49 -0.37 -3.46 -14.89
C VAL B 49 -1.74 -3.81 -14.21
N ALA B 50 -2.32 -2.86 -13.48
CA ALA B 50 -3.53 -3.04 -12.83
C ALA B 50 -4.69 -3.37 -13.85
N GLU B 51 -4.75 -2.65 -14.96
CA GLU B 51 -5.79 -2.90 -15.96
C GLU B 51 -5.57 -4.24 -16.66
N ALA B 52 -4.32 -4.64 -16.85
CA ALA B 52 -4.04 -6.00 -17.36
C ALA B 52 -4.45 -7.10 -16.44
N VAL B 53 -4.34 -6.86 -15.13
CA VAL B 53 -4.74 -7.87 -14.22
C VAL B 53 -6.29 -7.89 -14.15
N LYS B 54 -6.90 -6.70 -14.20
CA LYS B 54 -8.35 -6.59 -14.07
C LYS B 54 -9.02 -7.22 -15.30
N SER B 55 -8.45 -7.03 -16.48
CA SER B 55 -9.02 -7.56 -17.72
C SER B 55 -8.82 -9.06 -17.89
N GLY B 56 -7.94 -9.66 -17.06
CA GLY B 56 -7.58 -11.07 -17.14
C GLY B 56 -6.51 -11.31 -18.16
N GLU B 57 -6.01 -10.25 -18.81
CA GLU B 57 -4.88 -10.38 -19.70
C GLU B 57 -3.62 -10.91 -18.99
N CYS B 58 -3.42 -10.51 -17.69
CA CYS B 58 -2.38 -11.08 -16.82
C CYS B 58 -3.13 -11.74 -15.70
N ASP B 59 -2.63 -12.86 -15.16
CA ASP B 59 -3.24 -13.36 -13.92
C ASP B 59 -2.91 -12.53 -12.64
N ARG B 60 -1.68 -12.05 -12.59
CA ARG B 60 -1.31 -11.14 -11.52
C ARG B 60 -0.18 -10.31 -11.98
N GLY B 61 0.24 -9.37 -11.12
CA GLY B 61 1.17 -8.32 -11.58
C GLY B 61 2.14 -7.98 -10.49
N ILE B 62 3.27 -7.48 -10.93
CA ILE B 62 4.30 -6.96 -10.00
C ILE B 62 4.64 -5.56 -10.50
N VAL B 63 4.67 -4.58 -9.58
CA VAL B 63 4.90 -3.16 -9.92
C VAL B 63 6.07 -2.68 -9.02
N ILE B 64 6.98 -1.92 -9.58
CA ILE B 64 8.15 -1.53 -8.81
C ILE B 64 8.38 -0.02 -9.01
N CYS B 65 8.70 0.72 -7.92
CA CYS B 65 9.17 2.10 -8.09
C CYS B 65 10.22 2.26 -7.03
N GLY B 66 10.61 3.50 -6.73
CA GLY B 66 11.71 3.66 -5.78
C GLY B 66 11.32 3.02 -4.44
N THR B 67 10.10 3.28 -3.94
CA THR B 67 9.74 2.65 -2.64
C THR B 67 8.65 1.58 -2.73
N GLY B 68 8.00 1.48 -3.90
CA GLY B 68 6.77 0.68 -4.06
C GLY B 68 5.51 1.45 -3.72
N LEU B 69 5.64 2.58 -3.01
CA LEU B 69 4.43 3.22 -2.46
C LEU B 69 3.56 3.85 -3.52
N GLY B 70 4.14 4.69 -4.38
CA GLY B 70 3.34 5.46 -5.34
C GLY B 70 2.68 4.54 -6.33
N ILE B 71 3.43 3.56 -6.86
CA ILE B 71 2.90 2.73 -7.91
C ILE B 71 1.77 1.79 -7.32
N SER B 72 1.90 1.39 -6.06
CA SER B 72 0.89 0.58 -5.45
C SER B 72 -0.36 1.36 -5.11
N ILE B 73 -0.19 2.60 -4.68
CA ILE B 73 -1.33 3.47 -4.41
C ILE B 73 -2.08 3.65 -5.72
N ALA B 74 -1.38 3.99 -6.80
CA ALA B 74 -2.00 4.19 -8.11
C ALA B 74 -2.79 2.85 -8.55
N ALA B 75 -2.11 1.72 -8.47
CA ALA B 75 -2.76 0.40 -8.83
C ALA B 75 -4.04 0.08 -7.96
N ASN B 76 -4.00 0.41 -6.67
CA ASN B 76 -5.16 0.29 -5.78
C ASN B 76 -6.34 1.19 -6.09
N LYS B 77 -6.15 2.21 -6.91
CA LYS B 77 -7.29 3.05 -7.39
C LYS B 77 -8.21 2.28 -8.40
N VAL B 78 -7.72 1.16 -8.95
CA VAL B 78 -8.50 0.37 -9.89
C VAL B 78 -9.37 -0.65 -9.09
N PRO B 79 -10.69 -0.66 -9.35
CA PRO B 79 -11.58 -1.62 -8.68
C PRO B 79 -11.19 -3.08 -9.00
N GLY B 80 -11.18 -3.91 -7.97
CA GLY B 80 -10.81 -5.31 -8.16
C GLY B 80 -9.30 -5.56 -8.02
N ILE B 81 -8.53 -4.49 -7.75
CA ILE B 81 -7.03 -4.59 -7.59
C ILE B 81 -6.70 -4.44 -6.08
N ARG B 82 -5.82 -5.32 -5.61
CA ARG B 82 -5.34 -5.30 -4.24
C ARG B 82 -3.85 -5.43 -4.34
N ALA B 83 -3.15 -4.28 -4.29
CA ALA B 83 -1.66 -4.24 -4.57
C ALA B 83 -1.02 -4.14 -3.17
N ALA B 84 -0.07 -5.04 -2.90
CA ALA B 84 0.55 -5.11 -1.58
C ALA B 84 1.99 -4.67 -1.62
N VAL B 85 2.35 -3.55 -0.99
CA VAL B 85 3.82 -3.19 -0.90
C VAL B 85 4.48 -4.06 0.19
N CYS B 86 5.42 -4.93 -0.19
CA CYS B 86 6.00 -5.88 0.77
C CYS B 86 7.49 -5.61 0.85
N THR B 87 8.00 -5.54 2.08
CA THR B 87 9.43 -5.40 2.26
C THR B 87 10.09 -6.65 2.89
N ASN B 88 9.30 -7.69 3.16
CA ASN B 88 9.90 -8.99 3.57
C ASN B 88 8.94 -10.09 3.13
N SER B 89 9.36 -11.37 3.19
CA SER B 89 8.57 -12.52 2.70
C SER B 89 7.35 -12.78 3.59
N TYR B 90 7.45 -12.48 4.89
CA TYR B 90 6.31 -12.56 5.78
C TYR B 90 5.10 -11.73 5.26
N MET B 91 5.33 -10.46 4.94
CA MET B 91 4.26 -9.62 4.42
C MET B 91 3.78 -10.20 3.11
N ALA B 92 4.72 -10.64 2.26
CA ALA B 92 4.32 -11.24 0.93
C ALA B 92 3.38 -12.45 1.09
N ARG B 93 3.75 -13.37 2.03
CA ARG B 93 2.86 -14.50 2.32
C ARG B 93 1.49 -14.07 2.79
N MET B 94 1.48 -13.14 3.72
CA MET B 94 0.24 -12.70 4.29
C MET B 94 -0.60 -11.92 3.23
N SER B 95 0.02 -11.18 2.33
CA SER B 95 -0.74 -10.41 1.34
C SER B 95 -1.60 -11.42 0.45
N ARG B 96 -1.01 -12.62 0.19
CA ARG B 96 -1.75 -13.67 -0.56
C ARG B 96 -2.78 -14.38 0.33
N GLU B 97 -2.31 -14.95 1.46
CA GLU B 97 -3.18 -15.63 2.43
C GLU B 97 -4.37 -14.88 2.96
N HIS B 98 -4.17 -13.58 3.30
CA HIS B 98 -5.23 -12.82 3.93
C HIS B 98 -5.91 -11.85 2.95
N ASN B 99 -5.15 -11.17 2.11
CA ASN B 99 -5.72 -10.06 1.33
C ASN B 99 -6.03 -10.48 -0.06
N ASP B 100 -5.68 -11.75 -0.39
CA ASP B 100 -5.76 -12.24 -1.77
C ASP B 100 -5.15 -11.22 -2.75
N ALA B 101 -3.93 -10.69 -2.46
CA ALA B 101 -3.39 -9.65 -3.33
C ALA B 101 -3.18 -10.13 -4.74
N ASN B 102 -3.58 -9.36 -5.76
CA ASN B 102 -3.23 -9.78 -7.11
C ASN B 102 -2.13 -8.91 -7.74
N ILE B 103 -1.57 -7.96 -6.95
CA ILE B 103 -0.35 -7.20 -7.40
C ILE B 103 0.62 -7.16 -6.20
N LEU B 104 1.86 -7.51 -6.45
CA LEU B 104 2.94 -7.36 -5.53
C LEU B 104 3.67 -6.05 -5.85
N ALA B 105 3.82 -5.17 -4.84
CA ALA B 105 4.61 -3.89 -5.16
C ALA B 105 5.97 -3.91 -4.41
N LEU B 106 7.02 -3.42 -5.04
CA LEU B 106 8.32 -3.50 -4.43
C LEU B 106 9.04 -2.16 -4.55
N GLY B 107 9.99 -1.88 -3.69
CA GLY B 107 10.71 -0.62 -3.90
C GLY B 107 12.18 -0.87 -4.13
N GLU B 108 12.69 -0.54 -5.34
CA GLU B 108 14.07 -0.86 -5.70
C GLU B 108 15.10 -0.16 -4.76
N ARG B 109 14.75 1.02 -4.26
CA ARG B 109 15.68 1.76 -3.35
C ARG B 109 15.61 1.32 -1.89
N VAL B 110 14.67 0.41 -1.60
CA VAL B 110 14.49 -0.04 -0.21
C VAL B 110 14.99 -1.51 -0.04
N VAL B 111 14.58 -2.39 -0.95
CA VAL B 111 14.92 -3.85 -0.80
C VAL B 111 16.07 -4.16 -1.78
N GLY B 112 17.13 -4.81 -1.32
CA GLY B 112 18.21 -5.28 -2.22
C GLY B 112 17.69 -6.41 -3.12
N LEU B 113 18.49 -6.79 -4.11
CA LEU B 113 17.99 -7.67 -5.14
C LEU B 113 17.58 -9.08 -4.58
N ASP B 114 18.52 -9.76 -3.92
CA ASP B 114 18.20 -11.07 -3.41
C ASP B 114 17.06 -11.08 -2.44
N LEU B 115 16.96 -10.05 -1.57
CA LEU B 115 15.80 -9.97 -0.76
C LEU B 115 14.52 -9.87 -1.64
N ALA B 116 14.53 -9.03 -2.67
CA ALA B 116 13.33 -8.83 -3.44
C ALA B 116 12.92 -10.14 -4.20
N LEU B 117 13.91 -10.85 -4.77
CA LEU B 117 13.64 -12.21 -5.34
C LEU B 117 13.08 -13.18 -4.35
N ASP B 118 13.48 -13.10 -3.08
CA ASP B 118 12.91 -13.94 -2.06
C ASP B 118 11.46 -13.59 -1.83
N ILE B 119 11.17 -12.27 -1.76
CA ILE B 119 9.78 -11.83 -1.61
C ILE B 119 8.89 -12.31 -2.82
N VAL B 120 9.39 -12.12 -4.02
CA VAL B 120 8.65 -12.52 -5.24
C VAL B 120 8.33 -14.07 -5.15
N ASP B 121 9.37 -14.89 -4.91
CA ASP B 121 9.23 -16.37 -4.77
C ASP B 121 8.16 -16.69 -3.75
N THR B 122 8.19 -16.05 -2.57
CA THR B 122 7.18 -16.29 -1.54
C THR B 122 5.77 -15.93 -2.01
N TRP B 123 5.67 -14.77 -2.68
CA TRP B 123 4.38 -14.25 -3.05
C TRP B 123 3.73 -15.16 -4.13
N LEU B 124 4.55 -15.69 -5.05
CA LEU B 124 4.04 -16.44 -6.18
C LEU B 124 3.56 -17.83 -5.71
N LYS B 125 4.10 -18.31 -4.59
CA LYS B 125 3.79 -19.61 -4.06
C LYS B 125 2.68 -19.60 -3.00
N ALA B 126 2.41 -18.46 -2.38
CA ALA B 126 1.42 -18.43 -1.29
C ALA B 126 -0.05 -18.54 -1.82
N GLU B 127 -0.95 -19.05 -0.99
CA GLU B 127 -2.34 -19.25 -1.44
C GLU B 127 -3.37 -18.58 -0.57
N PHE B 128 -4.38 -17.98 -1.21
CA PHE B 128 -5.50 -17.36 -0.44
C PHE B 128 -6.20 -18.36 0.49
N GLN B 129 -6.50 -17.95 1.71
CA GLN B 129 -7.00 -18.83 2.74
C GLN B 129 -8.56 -18.76 2.94
N GLY B 130 -9.21 -17.83 2.24
CA GLY B 130 -10.67 -17.68 2.25
C GLY B 130 -11.24 -17.46 3.63
N GLY B 131 -12.49 -17.88 3.82
CA GLY B 131 -13.06 -17.72 5.13
C GLY B 131 -13.22 -16.27 5.50
N ARG B 132 -12.87 -15.92 6.76
CA ARG B 132 -13.07 -14.57 7.23
C ARG B 132 -12.29 -13.56 6.33
N HIS B 133 -11.29 -14.01 5.63
CA HIS B 133 -10.45 -13.18 4.79
C HIS B 133 -11.21 -12.85 3.51
N ALA B 134 -12.06 -13.78 3.03
CA ALA B 134 -12.97 -13.47 1.88
C ALA B 134 -14.01 -12.43 2.26
N THR B 135 -14.59 -12.56 3.47
CA THR B 135 -15.55 -11.61 3.99
C THR B 135 -14.90 -10.23 3.98
N ARG B 136 -13.66 -10.16 4.49
CA ARG B 136 -12.94 -8.85 4.50
C ARG B 136 -12.60 -8.31 3.15
N VAL B 137 -12.14 -9.15 2.24
CA VAL B 137 -11.97 -8.71 0.84
C VAL B 137 -13.32 -8.18 0.25
N GLY B 138 -14.45 -8.85 0.53
CA GLY B 138 -15.76 -8.32 0.12
C GLY B 138 -15.99 -6.88 0.59
N LYS B 139 -15.71 -6.61 1.86
CA LYS B 139 -15.86 -5.26 2.43
C LYS B 139 -14.95 -4.22 1.75
N ILE B 140 -13.78 -4.62 1.25
CA ILE B 140 -12.96 -3.80 0.39
C ILE B 140 -13.80 -3.52 -0.91
N GLY B 141 -14.52 -4.56 -1.44
CA GLY B 141 -15.31 -4.37 -2.69
C GLY B 141 -16.45 -3.40 -2.36
N GLU B 142 -16.92 -3.41 -1.15
CA GLU B 142 -18.02 -2.49 -0.83
C GLU B 142 -17.56 -1.02 -0.88
N ILE B 143 -16.30 -0.78 -0.47
CA ILE B 143 -15.76 0.58 -0.55
C ILE B 143 -15.68 0.96 -2.01
N GLU B 144 -15.14 0.09 -2.89
CA GLU B 144 -15.10 0.35 -4.28
C GLU B 144 -16.50 0.68 -4.81
N LYS B 145 -17.52 -0.10 -4.39
CA LYS B 145 -18.89 0.16 -4.91
C LYS B 145 -19.42 1.53 -4.46
N LYS B 146 -19.12 1.94 -3.22
CA LYS B 146 -19.50 3.24 -2.67
C LYS B 146 -18.95 4.42 -3.52
N TYR B 147 -17.69 4.34 -3.96
CA TYR B 147 -17.04 5.47 -4.63
C TYR B 147 -17.02 5.30 -6.12
N SER B 148 -17.64 4.24 -6.56
CA SER B 148 -17.74 3.95 -7.99
C SER B 148 -18.64 5.02 -8.84
C1 R5P C . -5.07 -7.72 7.18
O1 R5P C . -4.12 -7.08 6.34
C2 R5P C . -4.48 -7.66 8.61
O2 R5P C . -3.19 -8.23 8.52
C3 R5P C . -5.30 -8.29 9.78
O3 R5P C . -5.00 -7.72 11.11
C4 R5P C . -5.22 -9.84 9.80
O4 R5P C . -5.62 -10.39 8.50
C5 R5P C . -6.22 -10.50 10.70
O5 R5P C . -5.78 -11.90 10.85
P R5P C . -6.58 -12.79 11.93
O1P R5P C . -5.97 -14.22 11.90
O2P R5P C . -6.39 -12.07 13.22
O3P R5P C . -8.04 -12.82 11.58
C1 R5P D . 7.26 7.01 -5.96
O1 R5P D . 6.64 6.26 -4.97
C2 R5P D . 8.57 6.28 -6.34
O2 R5P D . 9.28 6.03 -5.17
C3 R5P D . 9.47 6.90 -7.46
O3 R5P D . 10.32 5.90 -8.15
C4 R5P D . 10.20 8.15 -6.95
O4 R5P D . 9.24 9.12 -6.39
C5 R5P D . 10.85 8.91 -8.08
O5 R5P D . 11.82 9.85 -7.52
P R5P D . 12.72 10.71 -8.51
O1P R5P D . 11.84 11.54 -9.43
O2P R5P D . 13.59 11.62 -7.64
O3P R5P D . 13.45 9.71 -9.38
#